data_3UAQ
#
_entry.id   3UAQ
#
_cell.length_a   42.599
_cell.length_b   83.928
_cell.length_c   98.589
_cell.angle_alpha   90.00
_cell.angle_beta   101.11
_cell.angle_gamma   90.00
#
_symmetry.space_group_name_H-M   'P 1 21 1'
#
_entity_poly.entity_id   1
_entity_poly.type   'polypeptide(L)'
_entity_poly.pdbx_seq_one_letter_code
;CGGGSFNNPSTIVIGQSKMIEKSDQSKDASAAKDDDNANADTKNKADSRLTMPVLGSVLAIPKRNQAYDKKKLTHLEEHV
PLDENNITTAHTNPLPALTKELQERYEGGKIYQSDDKYKFVKAGWIFTGLRPDETIKTDEDTDQPKQYTKGDGYLYYYGD
NPTTGLAKGVANYTGHWDFVTDVKRERESTITETTGRQAFGGGSGYKMDSGFGDEVGATSFAEQVFGQYAPRQGNHRAVF
KADFDAKKLTGTLSTKQKAIASSPETYVDRYDIDATIKGNRFAGSAIAKNTKSSFLEPNFFNKNADNRLEGGFYGENAEE
LAGKFLTNDNSVFAVFAGKQD
;
_entity_poly.pdbx_strand_id   A,B
#
# COMPACT_ATOMS: atom_id res chain seq x y z
N PRO A 53 -7.08 -1.49 29.32
CA PRO A 53 -5.76 -2.00 28.91
C PRO A 53 -5.17 -1.07 27.85
N VAL A 54 -4.86 0.15 28.28
CA VAL A 54 -4.79 1.33 27.40
C VAL A 54 -3.45 1.58 26.69
N LEU A 55 -3.52 1.68 25.35
CA LEU A 55 -2.32 1.70 24.52
C LEU A 55 -2.32 2.78 23.44
N GLY A 56 -1.18 2.88 22.75
CA GLY A 56 -1.16 3.59 21.48
C GLY A 56 -1.55 2.57 20.43
N SER A 57 -1.29 1.30 20.73
CA SER A 57 -1.21 0.28 19.70
C SER A 57 -0.72 -1.05 20.24
N VAL A 58 -1.09 -2.14 19.55
CA VAL A 58 -0.51 -3.44 19.87
C VAL A 58 -0.31 -4.34 18.65
N LEU A 59 0.15 -5.56 18.94
CA LEU A 59 0.81 -6.38 17.93
C LEU A 59 1.00 -7.84 18.38
N ALA A 60 0.59 -8.78 17.54
CA ALA A 60 0.75 -10.21 17.83
C ALA A 60 1.14 -11.03 16.59
N ILE A 61 1.12 -12.35 16.76
CA ILE A 61 1.77 -13.27 15.85
C ILE A 61 0.88 -14.48 15.56
N PRO A 62 1.01 -15.08 14.37
CA PRO A 62 -0.04 -15.96 13.82
C PRO A 62 0.02 -17.42 14.30
N LYS A 63 1.07 -17.80 15.01
CA LYS A 63 1.14 -19.13 15.61
C LYS A 63 1.24 -20.28 14.61
N ARG A 64 1.88 -21.37 15.02
CA ARG A 64 1.98 -22.56 14.18
C ARG A 64 1.96 -23.87 14.98
N ASN A 65 1.75 -24.99 14.28
CA ASN A 65 1.49 -26.28 14.89
C ASN A 65 2.74 -27.17 14.94
N GLN A 66 2.61 -28.38 14.40
CA GLN A 66 3.77 -29.25 14.30
C GLN A 66 3.57 -30.59 13.58
N ALA A 67 3.87 -31.66 14.31
CA ALA A 67 4.29 -32.93 13.70
C ALA A 67 4.03 -34.15 14.56
N TYR A 68 4.46 -35.31 14.07
CA TYR A 68 3.93 -36.59 14.51
C TYR A 68 4.98 -37.60 15.01
N ASP A 69 4.62 -38.36 16.05
CA ASP A 69 5.52 -39.30 16.68
C ASP A 69 5.23 -40.75 16.24
N LYS A 70 6.05 -41.25 15.32
CA LYS A 70 5.80 -42.54 14.66
C LYS A 70 6.08 -43.74 15.55
N LYS A 71 6.09 -43.55 16.86
CA LYS A 71 6.50 -44.63 17.74
C LYS A 71 5.74 -44.60 19.06
N LYS A 72 4.99 -43.53 19.27
CA LYS A 72 4.05 -43.46 20.38
C LYS A 72 2.66 -43.07 19.87
N LEU A 73 2.56 -42.96 18.55
CA LEU A 73 1.29 -42.75 17.86
C LEU A 73 0.54 -41.50 18.32
N THR A 74 1.31 -40.49 18.70
CA THR A 74 0.73 -39.21 19.10
C THR A 74 1.34 -38.07 18.31
N HIS A 75 0.56 -37.01 18.12
CA HIS A 75 1.05 -35.81 17.49
C HIS A 75 1.80 -34.96 18.53
N LEU A 76 2.88 -34.32 18.11
CA LEU A 76 3.69 -33.49 19.02
C LEU A 76 2.92 -32.30 19.58
N GLU A 77 2.01 -31.76 18.80
CA GLU A 77 1.25 -30.58 19.24
C GLU A 77 -0.15 -30.59 18.62
N GLU A 78 -1.16 -30.54 19.49
CA GLU A 78 -2.55 -30.62 19.04
C GLU A 78 -3.21 -29.25 19.03
N HIS A 79 -2.81 -28.41 19.99
CA HIS A 79 -3.49 -27.14 20.21
C HIS A 79 -2.49 -26.04 20.50
N VAL A 80 -2.53 -24.98 19.72
CA VAL A 80 -1.78 -23.78 20.03
C VAL A 80 -2.74 -22.61 20.29
N PRO A 81 -3.01 -22.35 21.57
CA PRO A 81 -3.84 -21.19 21.94
C PRO A 81 -3.06 -19.89 21.77
N LEU A 82 -3.77 -18.78 21.72
CA LEU A 82 -3.12 -17.47 21.73
C LEU A 82 -2.69 -17.15 23.16
N ASP A 83 -1.68 -16.29 23.30
CA ASP A 83 -1.19 -15.90 24.62
C ASP A 83 -1.08 -14.38 24.72
N GLU A 84 -1.86 -13.79 25.61
CA GLU A 84 -1.91 -12.34 25.74
C GLU A 84 -0.57 -11.77 26.16
N ASN A 85 0.36 -12.64 26.53
CA ASN A 85 1.70 -12.20 26.92
C ASN A 85 2.60 -12.04 25.72
N ASN A 86 2.17 -12.60 24.59
CA ASN A 86 2.91 -12.45 23.35
C ASN A 86 2.49 -11.19 22.61
N ILE A 87 1.53 -10.45 23.19
CA ILE A 87 1.08 -9.22 22.57
C ILE A 87 2.01 -8.08 22.90
N THR A 88 2.94 -7.80 21.99
CA THR A 88 3.84 -6.69 22.13
C THR A 88 3.06 -5.39 22.04
N THR A 89 3.47 -4.38 22.79
CA THR A 89 2.85 -3.06 22.72
C THR A 89 3.68 -2.16 21.79
N ALA A 90 3.01 -1.25 21.10
CA ALA A 90 3.70 -0.32 20.21
C ALA A 90 3.64 1.12 20.72
N HIS A 91 4.79 1.79 20.78
CA HIS A 91 4.82 3.19 21.16
C HIS A 91 5.13 4.05 19.94
N THR A 92 5.33 3.37 18.80
CA THR A 92 5.49 4.02 17.51
C THR A 92 5.01 3.08 16.39
N ASN A 93 4.93 3.62 15.17
CA ASN A 93 4.56 2.81 14.03
C ASN A 93 5.43 1.53 13.94
N PRO A 94 4.81 0.37 14.19
CA PRO A 94 5.48 -0.93 14.33
C PRO A 94 5.85 -1.58 13.01
N LEU A 95 5.35 -1.04 11.90
CA LEU A 95 5.55 -1.66 10.59
C LEU A 95 6.99 -1.63 10.06
N PRO A 96 7.68 -0.49 10.18
CA PRO A 96 9.13 -0.51 9.92
C PRO A 96 9.81 -1.72 10.59
N ALA A 97 9.66 -1.79 11.91
CA ALA A 97 10.20 -2.88 12.71
C ALA A 97 9.85 -4.29 12.17
N LEU A 98 8.58 -4.52 11.87
CA LEU A 98 8.13 -5.85 11.47
C LEU A 98 8.64 -6.22 10.08
N THR A 99 8.61 -5.23 9.18
CA THR A 99 9.08 -5.42 7.82
C THR A 99 10.56 -5.77 7.87
N LYS A 100 11.27 -5.10 8.78
CA LYS A 100 12.69 -5.34 8.96
C LYS A 100 12.92 -6.76 9.48
N GLU A 101 12.13 -7.14 10.48
CA GLU A 101 12.16 -8.49 11.02
C GLU A 101 12.05 -9.54 9.91
N LEU A 102 10.97 -9.47 9.15
CA LEU A 102 10.72 -10.46 8.11
C LEU A 102 11.78 -10.38 6.99
N GLN A 103 12.32 -9.19 6.75
CA GLN A 103 13.39 -9.02 5.78
C GLN A 103 14.66 -9.74 6.22
N GLU A 104 14.91 -9.74 7.52
CA GLU A 104 16.11 -10.37 8.07
C GLU A 104 15.96 -11.90 8.19
N ARG A 105 14.79 -12.36 8.61
CA ARG A 105 14.59 -13.78 8.90
C ARG A 105 14.18 -14.57 7.66
N TYR A 106 13.57 -13.89 6.70
CA TYR A 106 13.13 -14.52 5.47
C TYR A 106 13.69 -13.69 4.32
N GLU A 107 14.95 -13.93 4.03
CA GLU A 107 15.82 -13.00 3.29
C GLU A 107 15.24 -12.41 2.01
N GLY A 108 14.99 -13.24 1.00
CA GLY A 108 14.46 -12.74 -0.27
C GLY A 108 12.97 -13.01 -0.37
N GLY A 109 12.29 -12.96 0.78
CA GLY A 109 10.88 -13.29 0.83
C GLY A 109 10.01 -12.10 0.52
N LYS A 110 9.01 -12.31 -0.33
CA LYS A 110 8.05 -11.27 -0.67
C LYS A 110 7.11 -11.02 0.51
N ILE A 111 6.97 -9.75 0.87
CA ILE A 111 6.15 -9.37 2.03
C ILE A 111 4.79 -8.81 1.63
N TYR A 112 3.73 -9.40 2.19
CA TYR A 112 2.38 -8.91 1.96
C TYR A 112 1.84 -8.21 3.21
N GLN A 113 1.12 -7.13 3.01
CA GLN A 113 0.64 -6.33 4.12
C GLN A 113 -0.65 -5.60 3.75
N SER A 114 -1.38 -5.17 4.77
CA SER A 114 -2.66 -4.50 4.59
C SER A 114 -2.48 -3.14 3.94
N ASP A 115 -3.49 -2.70 3.19
CA ASP A 115 -3.47 -1.39 2.54
C ASP A 115 -3.64 -0.27 3.56
N ASP A 116 -2.82 0.78 3.43
CA ASP A 116 -2.85 1.88 4.39
C ASP A 116 -3.86 2.94 3.97
N LYS A 117 -5.12 2.73 4.32
CA LYS A 117 -6.18 3.59 3.81
C LYS A 117 -6.92 4.44 4.86
N TYR A 118 -6.30 4.60 6.04
CA TYR A 118 -6.77 5.55 7.04
C TYR A 118 -5.74 6.66 7.23
N LYS A 119 -6.12 7.71 7.94
CA LYS A 119 -5.26 8.90 8.02
C LYS A 119 -4.36 8.94 9.24
N PHE A 120 -4.90 8.52 10.38
CA PHE A 120 -4.15 8.53 11.63
C PHE A 120 -3.93 7.10 12.07
N VAL A 121 -4.73 6.20 11.52
CA VAL A 121 -4.89 4.86 12.08
C VAL A 121 -4.39 3.74 11.17
N LYS A 122 -3.88 2.69 11.79
CA LYS A 122 -3.50 1.48 11.09
C LYS A 122 -4.08 0.27 11.80
N ALA A 123 -4.49 -0.73 11.03
CA ALA A 123 -4.90 -2.01 11.60
C ALA A 123 -4.88 -3.03 10.48
N GLY A 124 -4.26 -4.17 10.73
CA GLY A 124 -4.22 -5.21 9.72
C GLY A 124 -3.17 -6.26 9.99
N TRP A 125 -2.52 -6.72 8.93
CA TRP A 125 -1.53 -7.77 9.05
C TRP A 125 -0.32 -7.50 8.16
N ILE A 126 0.68 -8.37 8.29
CA ILE A 126 1.85 -8.32 7.42
C ILE A 126 2.59 -9.63 7.60
N PHE A 127 2.90 -10.30 6.49
CA PHE A 127 3.49 -11.64 6.56
C PHE A 127 4.36 -12.02 5.35
N THR A 128 5.23 -13.01 5.57
CA THR A 128 5.92 -13.69 4.47
C THR A 128 5.60 -15.17 4.64
N GLY A 129 5.67 -15.91 3.55
CA GLY A 129 5.03 -17.22 3.49
C GLY A 129 3.68 -16.90 2.86
N LEU A 130 2.60 -17.43 3.42
CA LEU A 130 2.61 -18.52 4.37
C LEU A 130 1.89 -19.63 3.64
N ARG A 131 2.64 -20.34 2.80
CA ARG A 131 2.06 -21.38 1.95
C ARG A 131 2.26 -22.74 2.59
N PRO A 132 1.19 -23.27 3.23
CA PRO A 132 1.20 -24.47 4.07
C PRO A 132 1.75 -25.70 3.35
N ASP A 133 1.66 -25.73 2.03
CA ASP A 133 2.25 -26.82 1.24
C ASP A 133 3.76 -26.81 1.42
N GLU A 134 4.29 -25.66 1.82
CA GLU A 134 5.71 -25.47 1.99
C GLU A 134 6.06 -25.46 3.47
N THR A 135 6.72 -26.53 3.91
CA THR A 135 7.03 -26.74 5.33
C THR A 135 8.51 -26.63 5.63
N ILE A 136 8.84 -26.56 6.92
CA ILE A 136 10.22 -26.58 7.38
C ILE A 136 10.37 -27.51 8.58
N LYS A 137 11.21 -28.53 8.42
CA LYS A 137 11.39 -29.55 9.45
C LYS A 137 12.80 -29.55 10.05
N THR A 138 12.86 -29.56 11.38
CA THR A 138 14.13 -29.57 12.11
C THR A 138 14.14 -30.68 13.15
N ASP A 139 15.31 -30.91 13.73
CA ASP A 139 15.42 -31.72 14.94
C ASP A 139 14.77 -33.09 14.84
N GLU A 140 14.94 -33.76 13.71
CA GLU A 140 14.34 -35.07 13.52
C GLU A 140 15.27 -36.16 14.05
N ASP A 141 16.48 -35.75 14.42
CA ASP A 141 17.43 -36.64 15.06
C ASP A 141 17.30 -36.54 16.58
N THR A 142 16.17 -35.98 17.03
CA THR A 142 15.90 -35.83 18.45
C THR A 142 14.51 -36.31 18.86
N ASP A 143 14.07 -35.88 20.05
CA ASP A 143 12.85 -36.40 20.66
C ASP A 143 11.66 -35.47 20.46
N GLN A 144 11.94 -34.18 20.32
CA GLN A 144 10.92 -33.23 19.90
C GLN A 144 11.28 -32.79 18.49
N PRO A 145 10.89 -33.59 17.50
CA PRO A 145 11.12 -33.22 16.11
C PRO A 145 10.12 -32.15 15.71
N LYS A 146 10.48 -31.27 14.78
CA LYS A 146 9.61 -30.15 14.44
C LYS A 146 9.29 -30.06 12.96
N GLN A 147 8.10 -29.53 12.67
CA GLN A 147 7.69 -29.28 11.30
C GLN A 147 6.68 -28.13 11.28
N TYR A 148 7.19 -26.94 10.93
CA TYR A 148 6.38 -25.73 10.95
C TYR A 148 6.17 -25.18 9.55
N THR A 149 4.96 -24.73 9.27
CA THR A 149 4.69 -24.05 8.01
C THR A 149 5.70 -22.91 7.81
N LYS A 150 6.40 -22.91 6.68
CA LYS A 150 7.43 -21.91 6.44
C LYS A 150 6.89 -20.50 6.27
N GLY A 151 7.52 -19.55 6.98
CA GLY A 151 7.11 -18.16 6.94
C GLY A 151 6.60 -17.67 8.29
N ASP A 152 6.37 -16.37 8.41
CA ASP A 152 5.90 -15.79 9.66
C ASP A 152 5.15 -14.50 9.40
N GLY A 153 4.26 -14.15 10.34
CA GLY A 153 3.47 -12.94 10.19
C GLY A 153 3.08 -12.27 11.48
N TYR A 154 2.37 -11.15 11.35
CA TYR A 154 2.00 -10.34 12.49
C TYR A 154 0.67 -9.65 12.22
N LEU A 155 -0.14 -9.53 13.27
CA LEU A 155 -1.34 -8.69 13.21
C LEU A 155 -1.15 -7.47 14.11
N TYR A 156 -1.58 -6.31 13.64
CA TYR A 156 -1.29 -5.08 14.34
C TYR A 156 -2.46 -4.09 14.36
N TYR A 157 -2.39 -3.16 15.30
CA TYR A 157 -3.20 -1.94 15.23
C TYR A 157 -2.42 -0.82 15.92
N TYR A 158 -2.43 0.35 15.29
CA TYR A 158 -1.69 1.49 15.82
C TYR A 158 -2.42 2.79 15.51
N GLY A 159 -2.09 3.83 16.26
CA GLY A 159 -2.68 5.14 16.05
C GLY A 159 -1.71 6.26 16.35
N ASP A 160 -1.71 7.27 15.50
CA ASP A 160 -0.91 8.49 15.74
C ASP A 160 -1.84 9.64 16.10
N ASN A 161 -1.38 10.48 17.03
CA ASN A 161 -2.19 11.61 17.51
C ASN A 161 -3.55 11.17 18.05
N PRO A 162 -3.57 10.64 19.27
CA PRO A 162 -4.85 10.38 19.97
C PRO A 162 -5.62 11.68 20.09
N THR A 163 -6.75 11.65 20.80
CA THR A 163 -7.63 12.81 20.85
C THR A 163 -7.67 13.47 22.24
N GLY A 169 -20.69 15.16 21.03
CA GLY A 169 -21.91 14.79 20.35
C GLY A 169 -22.05 13.30 20.03
N VAL A 170 -22.54 13.00 18.83
CA VAL A 170 -22.67 11.61 18.35
C VAL A 170 -22.19 11.47 16.91
N ALA A 171 -21.36 10.46 16.65
CA ALA A 171 -20.78 10.26 15.33
C ALA A 171 -20.86 8.81 14.85
N ASN A 172 -20.75 8.59 13.55
CA ASN A 172 -20.77 7.26 12.98
C ASN A 172 -19.48 6.93 12.23
N TYR A 173 -18.99 5.72 12.43
CA TYR A 173 -17.75 5.29 11.78
C TYR A 173 -17.99 4.08 10.90
N THR A 174 -17.15 3.94 9.89
CA THR A 174 -17.12 2.74 9.07
C THR A 174 -15.67 2.42 8.68
N GLY A 175 -15.37 1.14 8.58
CA GLY A 175 -14.03 0.69 8.25
C GLY A 175 -13.95 -0.82 8.15
N HIS A 176 -12.97 -1.40 8.83
CA HIS A 176 -12.73 -2.83 8.68
C HIS A 176 -12.16 -3.47 9.94
N TRP A 177 -11.98 -4.78 9.89
CA TRP A 177 -11.30 -5.53 10.95
C TRP A 177 -10.54 -6.71 10.33
N ASP A 178 -9.56 -7.21 11.06
CA ASP A 178 -8.81 -8.41 10.68
C ASP A 178 -8.69 -9.29 11.91
N PHE A 179 -8.36 -10.56 11.70
CA PHE A 179 -8.26 -11.49 12.80
C PHE A 179 -7.28 -12.64 12.55
N VAL A 180 -6.77 -13.21 13.63
CA VAL A 180 -6.05 -14.47 13.57
C VAL A 180 -6.55 -15.35 14.69
N THR A 181 -6.77 -16.61 14.37
CA THR A 181 -7.33 -17.56 15.33
C THR A 181 -6.23 -18.37 15.95
N ASP A 182 -6.58 -19.19 16.93
CA ASP A 182 -5.66 -20.19 17.45
C ASP A 182 -5.47 -21.25 16.38
N VAL A 183 -4.73 -22.30 16.70
CA VAL A 183 -4.60 -23.41 15.76
C VAL A 183 -4.79 -24.77 16.44
N LYS A 184 -5.68 -25.57 15.86
CA LYS A 184 -5.92 -26.93 16.32
C LYS A 184 -5.95 -27.91 15.15
N ARG A 185 -5.34 -29.07 15.34
CA ARG A 185 -5.32 -30.10 14.30
C ARG A 185 -6.76 -30.55 14.05
N GLU A 186 -7.50 -30.73 15.14
CA GLU A 186 -8.87 -31.24 15.08
C GLU A 186 -9.84 -30.37 15.87
N ARG A 187 -10.76 -29.72 15.17
CA ARG A 187 -11.71 -28.82 15.79
C ARG A 187 -13.13 -29.38 15.89
N GLU A 188 -13.61 -29.96 14.79
CA GLU A 188 -14.97 -30.49 14.75
C GLU A 188 -14.99 -31.90 14.20
N SER A 189 -15.98 -32.66 14.63
CA SER A 189 -15.97 -34.09 14.40
C SER A 189 -17.29 -34.61 13.87
N GLN A 198 -14.24 -38.93 10.80
CA GLN A 198 -14.42 -37.63 10.14
C GLN A 198 -14.26 -36.41 11.04
N ALA A 199 -13.13 -35.72 10.87
CA ALA A 199 -12.81 -34.53 11.66
C ALA A 199 -11.92 -33.58 10.87
N PHE A 200 -11.85 -32.35 11.34
CA PHE A 200 -10.97 -31.33 10.77
C PHE A 200 -10.82 -30.15 11.74
N GLY A 201 -9.97 -29.19 11.39
CA GLY A 201 -9.84 -27.94 12.11
C GLY A 201 -9.28 -26.90 11.17
N GLY A 202 -9.49 -27.14 9.87
CA GLY A 202 -8.70 -26.54 8.82
C GLY A 202 -9.29 -25.42 7.98
N GLY A 203 -9.47 -25.69 6.69
CA GLY A 203 -9.73 -24.64 5.74
C GLY A 203 -10.54 -25.03 4.52
N SER A 204 -11.83 -25.25 4.73
CA SER A 204 -12.80 -25.45 3.67
C SER A 204 -14.14 -25.47 4.36
N GLY A 205 -14.26 -26.34 5.36
CA GLY A 205 -15.42 -26.32 6.24
C GLY A 205 -15.51 -24.93 6.83
N TYR A 206 -14.35 -24.29 6.98
CA TYR A 206 -14.28 -22.96 7.58
C TYR A 206 -14.21 -21.86 6.53
N LYS A 207 -14.28 -22.24 5.25
CA LYS A 207 -14.13 -21.29 4.13
C LYS A 207 -12.77 -20.57 4.19
N MET A 208 -11.76 -21.29 4.66
CA MET A 208 -10.40 -20.78 4.70
C MET A 208 -9.55 -21.49 3.65
N ASP A 209 -8.49 -20.85 3.20
CA ASP A 209 -7.53 -21.53 2.34
C ASP A 209 -6.95 -22.69 3.11
N SER A 210 -6.47 -23.71 2.38
CA SER A 210 -5.94 -24.91 3.02
C SER A 210 -4.81 -24.61 3.99
N GLY A 211 -4.82 -25.31 5.12
CA GLY A 211 -3.76 -25.20 6.10
C GLY A 211 -4.02 -24.10 7.12
N PHE A 212 -4.94 -23.20 6.78
CA PHE A 212 -5.28 -22.10 7.70
C PHE A 212 -6.35 -22.48 8.72
N GLY A 213 -5.91 -22.70 9.96
CA GLY A 213 -6.79 -23.09 11.05
C GLY A 213 -6.22 -24.30 11.78
N ASP A 214 -5.45 -25.11 11.05
CA ASP A 214 -4.90 -26.34 11.59
C ASP A 214 -3.36 -26.38 11.58
N GLU A 215 -2.75 -25.64 10.67
CA GLU A 215 -1.30 -25.56 10.60
C GLU A 215 -0.82 -24.13 10.90
N VAL A 216 -1.56 -23.13 10.43
CA VAL A 216 -1.34 -21.75 10.82
C VAL A 216 -2.65 -21.21 11.38
N GLY A 217 -2.57 -20.22 12.26
CA GLY A 217 -3.78 -19.56 12.72
C GLY A 217 -4.54 -18.97 11.55
N ALA A 218 -5.84 -19.26 11.46
CA ALA A 218 -6.65 -18.75 10.35
C ALA A 218 -6.75 -17.22 10.38
N THR A 219 -6.90 -16.62 9.20
CA THR A 219 -6.81 -15.16 9.07
C THR A 219 -7.89 -14.56 8.18
N SER A 220 -8.04 -13.24 8.27
CA SER A 220 -8.96 -12.53 7.40
C SER A 220 -8.58 -12.80 5.94
N PHE A 221 -7.33 -12.54 5.60
CA PHE A 221 -6.87 -12.64 4.22
C PHE A 221 -6.97 -14.07 3.65
N ALA A 222 -7.19 -15.04 4.53
CA ALA A 222 -7.27 -16.44 4.10
C ALA A 222 -8.72 -16.90 3.98
N GLU A 223 -9.65 -16.05 4.38
CA GLU A 223 -11.07 -16.38 4.26
C GLU A 223 -11.51 -16.14 2.82
N GLN A 224 -12.14 -17.16 2.24
CA GLN A 224 -12.36 -17.21 0.81
C GLN A 224 -13.61 -16.48 0.29
N VAL A 225 -13.37 -15.53 -0.60
CA VAL A 225 -14.44 -14.99 -1.44
C VAL A 225 -14.05 -15.30 -2.87
N PHE A 226 -15.03 -15.35 -3.75
CA PHE A 226 -14.80 -15.82 -5.12
C PHE A 226 -13.96 -14.88 -5.97
N GLY A 227 -13.05 -15.45 -6.75
CA GLY A 227 -12.29 -14.70 -7.73
C GLY A 227 -11.28 -13.75 -7.11
N GLN A 228 -11.09 -13.85 -5.80
CA GLN A 228 -9.97 -13.19 -5.13
C GLN A 228 -8.97 -14.27 -4.76
N TYR A 229 -7.69 -13.96 -4.84
CA TYR A 229 -6.66 -14.94 -4.51
C TYR A 229 -5.83 -14.49 -3.32
N ALA A 230 -4.73 -15.20 -3.11
CA ALA A 230 -3.62 -14.68 -2.33
C ALA A 230 -4.07 -14.25 -0.94
N PRO A 231 -3.33 -13.29 -0.33
CA PRO A 231 -3.90 -12.52 0.77
C PRO A 231 -5.00 -11.61 0.24
N ARG A 232 -6.22 -11.77 0.78
CA ARG A 232 -7.37 -11.01 0.31
C ARG A 232 -7.65 -9.81 1.21
N GLN A 233 -8.39 -8.83 0.69
CA GLN A 233 -8.71 -7.63 1.47
C GLN A 233 -10.11 -7.11 1.17
N GLY A 234 -10.68 -6.40 2.14
CA GLY A 234 -11.96 -5.74 1.93
C GLY A 234 -13.17 -6.65 2.06
N ASN A 235 -12.96 -7.85 2.62
CA ASN A 235 -14.07 -8.76 2.83
C ASN A 235 -14.54 -8.76 4.29
N HIS A 236 -13.93 -7.90 5.10
CA HIS A 236 -14.29 -7.81 6.51
C HIS A 236 -14.68 -6.40 6.90
N ARG A 237 -15.99 -6.22 7.12
CA ARG A 237 -16.54 -4.88 7.30
C ARG A 237 -16.69 -4.53 8.77
N ALA A 238 -16.39 -3.28 9.11
CA ALA A 238 -16.56 -2.79 10.48
C ALA A 238 -17.46 -1.57 10.47
N VAL A 239 -18.40 -1.51 11.40
CA VAL A 239 -19.27 -0.35 11.53
C VAL A 239 -19.36 0.06 13.00
N PHE A 240 -19.33 1.35 13.27
CA PHE A 240 -19.32 1.83 14.66
C PHE A 240 -20.27 2.99 14.88
N LYS A 241 -20.82 3.07 16.09
CA LYS A 241 -21.58 4.24 16.53
C LYS A 241 -21.00 4.76 17.83
N ALA A 242 -20.57 6.02 17.80
CA ALA A 242 -20.00 6.65 18.98
C ALA A 242 -20.96 7.68 19.59
N ASP A 243 -21.40 7.40 20.81
CA ASP A 243 -22.20 8.36 21.57
C ASP A 243 -21.32 8.96 22.67
N PHE A 244 -20.74 10.14 22.38
CA PHE A 244 -19.83 10.81 23.31
C PHE A 244 -20.60 11.40 24.49
N ASP A 245 -21.92 11.52 24.34
CA ASP A 245 -22.76 12.01 25.42
C ASP A 245 -23.08 10.89 26.41
N ALA A 246 -23.54 9.77 25.89
CA ALA A 246 -23.86 8.61 26.73
C ALA A 246 -22.58 7.87 27.12
N LYS A 247 -21.46 8.26 26.54
CA LYS A 247 -20.17 7.61 26.78
C LYS A 247 -20.20 6.14 26.36
N LYS A 248 -20.76 5.87 25.18
CA LYS A 248 -20.89 4.50 24.70
C LYS A 248 -20.33 4.33 23.29
N LEU A 249 -19.83 3.13 23.01
CA LEU A 249 -19.24 2.85 21.71
C LEU A 249 -19.71 1.49 21.20
N THR A 250 -20.63 1.51 20.23
CA THR A 250 -21.21 0.27 19.69
C THR A 250 -20.74 -0.02 18.28
N GLY A 251 -21.15 -1.16 17.74
CA GLY A 251 -20.81 -1.49 16.37
C GLY A 251 -20.84 -2.97 16.04
N THR A 252 -20.66 -3.26 14.76
CA THR A 252 -20.77 -4.62 14.27
C THR A 252 -19.67 -4.92 13.24
N LEU A 253 -19.08 -6.11 13.35
CA LEU A 253 -18.10 -6.58 12.38
C LEU A 253 -18.68 -7.77 11.64
N SER A 254 -18.71 -7.67 10.31
CA SER A 254 -19.29 -8.72 9.49
C SER A 254 -18.32 -9.19 8.43
N THR A 255 -18.66 -10.29 7.76
CA THR A 255 -17.80 -10.83 6.73
C THR A 255 -18.57 -10.95 5.42
N LYS A 256 -17.94 -10.52 4.33
CA LYS A 256 -18.49 -10.71 3.00
C LYS A 256 -18.27 -12.16 2.54
N GLN A 257 -19.36 -12.88 2.33
CA GLN A 257 -19.36 -14.15 1.63
C GLN A 257 -19.88 -13.94 0.22
N LYS A 258 -19.28 -14.63 -0.74
CA LYS A 258 -19.79 -14.71 -2.11
C LYS A 258 -19.21 -15.98 -2.71
N ALA A 259 -20.09 -16.93 -3.00
CA ALA A 259 -19.66 -18.29 -3.34
C ALA A 259 -19.08 -18.44 -4.74
N ILE A 260 -19.90 -18.14 -5.75
CA ILE A 260 -19.44 -18.22 -7.14
C ILE A 260 -19.60 -16.89 -7.85
N ALA A 261 -19.28 -16.87 -9.15
CA ALA A 261 -19.35 -15.64 -9.93
C ALA A 261 -20.74 -14.99 -9.92
N SER A 262 -21.77 -15.80 -10.11
CA SER A 262 -23.14 -15.27 -10.15
C SER A 262 -23.60 -14.75 -8.79
N SER A 263 -23.01 -15.29 -7.73
CA SER A 263 -23.47 -15.04 -6.37
C SER A 263 -23.48 -13.57 -5.95
N PRO A 264 -24.51 -13.19 -5.18
CA PRO A 264 -24.59 -11.88 -4.53
C PRO A 264 -23.49 -11.74 -3.48
N GLU A 265 -22.98 -10.53 -3.31
CA GLU A 265 -22.11 -10.25 -2.17
C GLU A 265 -22.96 -10.12 -0.91
N THR A 266 -22.85 -11.10 -0.03
CA THR A 266 -23.66 -11.16 1.18
C THR A 266 -22.80 -10.93 2.44
N TYR A 267 -23.41 -10.45 3.51
CA TYR A 267 -22.64 -10.19 4.73
C TYR A 267 -23.21 -10.92 5.94
N VAL A 268 -22.32 -11.58 6.70
CA VAL A 268 -22.73 -12.27 7.92
C VAL A 268 -22.10 -11.61 9.14
N ASP A 269 -22.93 -11.23 10.10
CA ASP A 269 -22.43 -10.59 11.31
C ASP A 269 -21.71 -11.60 12.20
N ARG A 270 -20.48 -11.29 12.56
CA ARG A 270 -19.67 -12.15 13.42
C ARG A 270 -19.67 -11.64 14.85
N TYR A 271 -19.50 -10.33 15.01
CA TYR A 271 -19.36 -9.73 16.33
C TYR A 271 -20.11 -8.40 16.45
N ASP A 272 -20.87 -8.26 17.52
CA ASP A 272 -21.34 -6.96 17.96
C ASP A 272 -20.31 -6.38 18.91
N ILE A 273 -20.35 -5.07 19.10
CA ILE A 273 -19.41 -4.42 19.99
C ILE A 273 -20.14 -3.60 21.06
N ASP A 274 -19.58 -3.60 22.27
CA ASP A 274 -20.23 -2.96 23.41
C ASP A 274 -19.17 -2.40 24.35
N ALA A 275 -18.80 -1.14 24.14
CA ALA A 275 -17.72 -0.54 24.92
C ALA A 275 -18.13 0.77 25.60
N THR A 276 -17.51 1.04 26.74
CA THR A 276 -17.67 2.32 27.41
C THR A 276 -16.53 3.25 27.02
N ILE A 277 -16.86 4.53 26.83
CA ILE A 277 -15.88 5.54 26.46
C ILE A 277 -15.46 6.37 27.66
N LYS A 278 -14.16 6.56 27.81
CA LYS A 278 -13.61 7.33 28.92
C LYS A 278 -12.32 8.02 28.48
N GLY A 279 -12.43 9.32 28.18
CA GLY A 279 -11.31 10.05 27.60
C GLY A 279 -11.32 9.81 26.11
N ASN A 280 -10.14 9.65 25.51
CA ASN A 280 -10.03 9.31 24.10
C ASN A 280 -10.10 7.81 23.92
N ARG A 281 -10.06 7.08 25.03
CA ARG A 281 -10.01 5.63 25.02
C ARG A 281 -11.39 5.02 25.27
N PHE A 282 -11.56 3.78 24.83
CA PHE A 282 -12.77 3.04 25.12
C PHE A 282 -12.45 1.57 25.35
N ALA A 283 -13.29 0.90 26.14
CA ALA A 283 -13.04 -0.49 26.50
C ALA A 283 -14.33 -1.20 26.84
N GLY A 284 -14.40 -2.47 26.48
CA GLY A 284 -15.58 -3.27 26.77
C GLY A 284 -15.52 -4.67 26.19
N SER A 285 -16.60 -5.05 25.53
CA SER A 285 -16.77 -6.42 25.10
C SER A 285 -17.05 -6.57 23.61
N ALA A 286 -16.58 -7.70 23.06
CA ALA A 286 -16.99 -8.15 21.74
C ALA A 286 -17.91 -9.33 21.94
N ILE A 287 -19.06 -9.32 21.29
CA ILE A 287 -20.08 -10.34 21.50
C ILE A 287 -20.29 -11.18 20.24
N ALA A 288 -20.15 -12.49 20.37
CA ALA A 288 -20.31 -13.40 19.24
C ALA A 288 -21.80 -13.56 18.89
N LYS A 289 -22.11 -13.47 17.60
CA LYS A 289 -23.49 -13.52 17.13
C LYS A 289 -24.00 -14.95 16.95
N ASN A 290 -23.10 -15.91 16.92
CA ASN A 290 -23.49 -17.29 16.63
C ASN A 290 -23.39 -18.21 17.85
N THR A 291 -22.19 -18.29 18.43
CA THR A 291 -21.95 -19.12 19.62
C THR A 291 -22.15 -20.61 19.35
N LYS A 292 -22.40 -20.97 18.09
CA LYS A 292 -22.57 -22.37 17.74
C LYS A 292 -21.57 -22.81 16.67
N SER A 293 -20.80 -23.85 16.98
CA SER A 293 -19.95 -24.52 16.01
C SER A 293 -20.26 -26.01 16.02
N SER A 294 -20.48 -26.56 14.83
CA SER A 294 -20.71 -27.98 14.67
C SER A 294 -19.89 -28.46 13.48
N PHE A 295 -19.97 -29.75 13.20
CA PHE A 295 -19.25 -30.33 12.07
C PHE A 295 -19.82 -29.81 10.75
N LEU A 296 -21.13 -29.58 10.72
CA LEU A 296 -21.80 -29.11 9.52
C LEU A 296 -22.01 -27.59 9.58
N GLU A 297 -21.91 -27.03 10.79
CA GLU A 297 -21.86 -25.58 10.97
C GLU A 297 -20.66 -25.23 11.82
N PRO A 298 -19.46 -25.31 11.23
CA PRO A 298 -18.24 -24.96 11.96
C PRO A 298 -18.11 -23.45 12.09
N ASN A 299 -17.55 -22.99 13.20
CA ASN A 299 -17.49 -21.55 13.47
C ASN A 299 -16.33 -21.18 14.37
N PHE A 300 -15.38 -20.43 13.82
CA PHE A 300 -14.24 -19.91 14.57
C PHE A 300 -14.66 -18.89 15.61
N PHE A 301 -15.84 -18.31 15.43
CA PHE A 301 -16.24 -17.10 16.13
C PHE A 301 -17.42 -17.32 17.09
N ASN A 302 -17.29 -18.32 17.96
CA ASN A 302 -18.36 -18.70 18.88
C ASN A 302 -18.17 -18.18 20.30
N LYS A 303 -17.05 -17.51 20.57
CA LYS A 303 -16.79 -16.99 21.91
C LYS A 303 -16.70 -15.48 21.93
N ASN A 304 -17.21 -14.88 22.99
CA ASN A 304 -17.06 -13.45 23.21
C ASN A 304 -15.64 -13.09 23.59
N ALA A 305 -15.40 -11.79 23.66
CA ALA A 305 -14.27 -11.25 24.41
C ALA A 305 -14.90 -10.33 25.45
N ASP A 306 -15.40 -10.92 26.53
CA ASP A 306 -16.09 -10.17 27.58
C ASP A 306 -15.09 -9.32 28.37
N ASN A 307 -15.25 -8.01 28.30
CA ASN A 307 -14.29 -7.11 28.94
C ASN A 307 -12.87 -7.37 28.47
N ARG A 308 -12.72 -7.72 27.19
CA ARG A 308 -11.41 -7.99 26.63
C ARG A 308 -11.24 -7.29 25.28
N LEU A 309 -11.97 -6.19 25.12
CA LEU A 309 -11.81 -5.33 23.95
C LEU A 309 -11.37 -3.94 24.39
N GLU A 310 -10.35 -3.39 23.73
CA GLU A 310 -9.87 -2.05 24.05
C GLU A 310 -9.56 -1.28 22.77
N GLY A 311 -9.54 0.05 22.87
CA GLY A 311 -9.24 0.86 21.71
C GLY A 311 -9.30 2.35 22.00
N GLY A 312 -9.21 3.15 20.95
CA GLY A 312 -9.24 4.59 21.11
C GLY A 312 -9.57 5.36 19.85
N PHE A 313 -9.79 6.66 20.03
CA PHE A 313 -10.03 7.59 18.95
C PHE A 313 -8.77 8.37 18.65
N TYR A 314 -8.35 8.37 17.39
CA TYR A 314 -7.21 9.16 16.97
C TYR A 314 -7.69 10.21 15.97
N GLY A 315 -6.97 11.32 15.91
CA GLY A 315 -7.46 12.47 15.18
C GLY A 315 -7.88 13.54 16.17
N GLU A 316 -7.84 14.80 15.76
CA GLU A 316 -8.09 15.92 16.65
C GLU A 316 -9.55 16.02 17.04
N ASN A 317 -10.43 15.51 16.18
CA ASN A 317 -11.87 15.52 16.43
C ASN A 317 -12.44 14.11 16.41
N ALA A 318 -11.71 13.16 16.99
CA ALA A 318 -12.13 11.77 16.98
C ALA A 318 -12.41 11.30 15.55
N GLU A 319 -11.65 11.83 14.60
CA GLU A 319 -11.89 11.53 13.19
C GLU A 319 -11.81 10.04 12.89
N GLU A 320 -10.99 9.31 13.63
CA GLU A 320 -10.83 7.87 13.42
C GLU A 320 -10.81 7.10 14.73
N LEU A 321 -10.89 5.77 14.63
CA LEU A 321 -10.80 4.91 15.80
C LEU A 321 -10.14 3.58 15.44
N ALA A 322 -9.51 2.95 16.42
CA ALA A 322 -8.90 1.65 16.20
C ALA A 322 -8.70 0.95 17.53
N GLY A 323 -8.63 -0.38 17.48
CA GLY A 323 -8.48 -1.16 18.70
C GLY A 323 -8.34 -2.64 18.43
N LYS A 324 -8.42 -3.43 19.49
CA LYS A 324 -8.22 -4.87 19.42
C LYS A 324 -9.07 -5.56 20.47
N PHE A 325 -9.25 -6.87 20.30
CA PHE A 325 -9.82 -7.69 21.36
C PHE A 325 -9.32 -9.12 21.21
N LEU A 326 -9.30 -9.84 22.31
CA LEU A 326 -8.89 -11.24 22.31
C LEU A 326 -9.92 -12.03 23.10
N THR A 327 -10.43 -13.08 22.48
CA THR A 327 -11.56 -13.82 23.04
C THR A 327 -11.28 -14.49 24.39
N ASN A 328 -12.35 -14.91 25.06
CA ASN A 328 -12.29 -15.52 26.39
C ASN A 328 -11.39 -16.76 26.47
N ASP A 329 -11.47 -17.62 25.45
CA ASP A 329 -10.67 -18.84 25.42
C ASP A 329 -9.49 -18.71 24.47
N ASN A 330 -8.98 -17.49 24.32
CA ASN A 330 -7.79 -17.24 23.52
C ASN A 330 -7.87 -17.91 22.15
N SER A 331 -9.02 -17.73 21.49
CA SER A 331 -9.33 -18.43 20.25
C SER A 331 -9.39 -17.49 19.05
N VAL A 332 -9.66 -16.22 19.30
CA VAL A 332 -9.62 -15.21 18.25
C VAL A 332 -9.00 -13.91 18.75
N PHE A 333 -7.99 -13.45 18.02
CA PHE A 333 -7.45 -12.12 18.26
C PHE A 333 -7.81 -11.26 17.07
N ALA A 334 -8.44 -10.12 17.32
CA ALA A 334 -8.91 -9.28 16.24
C ALA A 334 -8.51 -7.83 16.45
N VAL A 335 -8.24 -7.16 15.34
CA VAL A 335 -7.98 -5.72 15.36
C VAL A 335 -9.00 -5.05 14.45
N PHE A 336 -9.29 -3.79 14.72
CA PHE A 336 -10.30 -3.09 13.95
C PHE A 336 -10.00 -1.60 13.86
N ALA A 337 -10.51 -1.00 12.79
CA ALA A 337 -10.36 0.43 12.59
C ALA A 337 -11.61 0.94 11.90
N GLY A 338 -11.92 2.21 12.13
CA GLY A 338 -13.04 2.86 11.48
C GLY A 338 -12.79 4.35 11.38
N LYS A 339 -13.53 5.00 10.48
CA LYS A 339 -13.43 6.46 10.32
C LYS A 339 -14.79 7.03 9.96
N GLN A 340 -14.99 8.32 10.27
CA GLN A 340 -16.30 8.96 10.19
C GLN A 340 -16.93 9.01 8.80
N ASP A 341 -18.23 9.30 8.78
CA ASP A 341 -18.99 9.35 7.53
C ASP A 341 -19.50 10.77 7.29
N VAL B 54 7.16 17.37 4.84
CA VAL B 54 6.92 18.77 4.46
C VAL B 54 8.20 19.49 3.96
N LEU B 55 8.10 20.05 2.75
CA LEU B 55 9.27 20.55 2.03
C LEU B 55 9.08 21.90 1.37
N GLY B 56 10.17 22.43 0.84
CA GLY B 56 10.05 23.53 -0.12
C GLY B 56 9.84 22.88 -1.48
N SER B 57 10.33 21.65 -1.61
CA SER B 57 10.60 21.09 -2.91
C SER B 57 11.31 19.75 -2.84
N VAL B 58 11.14 18.91 -3.87
CA VAL B 58 11.96 17.72 -3.98
C VAL B 58 12.31 17.33 -5.42
N LEU B 59 12.98 16.19 -5.56
CA LEU B 59 13.78 15.90 -6.74
C LEU B 59 14.26 14.44 -6.80
N ALA B 60 14.01 13.78 -7.94
CA ALA B 60 14.44 12.40 -8.13
C ALA B 60 14.97 12.13 -9.54
N ILE B 61 15.20 10.86 -9.82
CA ILE B 61 16.00 10.45 -10.96
C ILE B 61 15.35 9.27 -11.70
N PRO B 62 15.57 9.15 -13.01
CA PRO B 62 14.71 8.34 -13.89
C PRO B 62 15.03 6.84 -13.92
N LYS B 63 16.15 6.43 -13.32
CA LYS B 63 16.46 5.01 -13.21
C LYS B 63 16.76 4.31 -14.54
N ARG B 64 17.60 3.27 -14.48
CA ARG B 64 17.91 2.48 -15.67
C ARG B 64 18.15 1.00 -15.35
N ASN B 65 18.14 0.18 -16.41
CA ASN B 65 18.13 -1.28 -16.27
C ASN B 65 19.51 -1.89 -16.48
N GLN B 66 19.61 -2.84 -17.41
CA GLN B 66 20.91 -3.41 -17.73
C GLN B 66 20.93 -4.44 -18.87
N ALA B 67 21.43 -5.62 -18.53
CA ALA B 67 22.08 -6.50 -19.50
C ALA B 67 22.06 -7.97 -19.11
N TYR B 68 22.70 -8.80 -19.94
CA TYR B 68 22.42 -10.23 -19.99
C TYR B 68 23.63 -11.14 -19.83
N ASP B 69 23.42 -12.26 -19.13
CA ASP B 69 24.51 -13.20 -18.82
C ASP B 69 24.47 -14.43 -19.74
N LYS B 70 25.37 -14.44 -20.73
CA LYS B 70 25.33 -15.44 -21.80
C LYS B 70 25.84 -16.82 -21.37
N LYS B 71 25.83 -17.10 -20.07
CA LYS B 71 26.45 -18.32 -19.60
C LYS B 71 25.70 -18.88 -18.39
N LYS B 72 24.78 -18.09 -17.85
CA LYS B 72 23.86 -18.57 -16.83
C LYS B 72 22.43 -18.28 -17.26
N LEU B 73 22.30 -17.70 -18.46
CA LEU B 73 21.01 -17.53 -19.11
C LEU B 73 20.05 -16.65 -18.30
N THR B 74 20.61 -15.72 -17.55
CA THR B 74 19.81 -14.80 -16.76
C THR B 74 20.19 -13.36 -17.08
N HIS B 75 19.22 -12.46 -16.93
CA HIS B 75 19.48 -11.04 -17.09
C HIS B 75 20.07 -10.48 -15.78
N LEU B 76 21.02 -9.56 -15.90
CA LEU B 76 21.67 -8.97 -14.73
C LEU B 76 20.69 -8.20 -13.84
N GLU B 77 19.71 -7.56 -14.45
CA GLU B 77 18.74 -6.77 -13.69
C GLU B 77 17.36 -6.81 -14.35
N GLU B 78 16.36 -7.25 -13.58
CA GLU B 78 15.01 -7.42 -14.11
C GLU B 78 14.12 -6.26 -13.69
N HIS B 79 14.33 -5.77 -12.47
CA HIS B 79 13.43 -4.78 -11.88
C HIS B 79 14.22 -3.69 -11.18
N VAL B 80 13.96 -2.44 -11.55
CA VAL B 80 14.48 -1.31 -10.81
C VAL B 80 13.34 -0.50 -10.22
N PRO B 81 13.04 -0.74 -8.93
CA PRO B 81 12.01 0.05 -8.24
C PRO B 81 12.53 1.44 -7.89
N LEU B 82 11.61 2.36 -7.62
CA LEU B 82 12.00 3.67 -7.14
C LEU B 82 12.36 3.57 -5.66
N ASP B 83 13.21 4.48 -5.18
CA ASP B 83 13.63 4.47 -3.79
C ASP B 83 13.46 5.85 -3.17
N GLU B 84 12.59 5.96 -2.17
CA GLU B 84 12.29 7.24 -1.56
C GLU B 84 13.50 7.86 -0.90
N ASN B 85 14.59 7.09 -0.79
CA ASN B 85 15.81 7.61 -0.19
C ASN B 85 16.66 8.35 -1.22
N ASN B 86 16.35 8.13 -2.50
CA ASN B 86 17.03 8.82 -3.57
C ASN B 86 16.36 10.17 -3.88
N ILE B 87 15.29 10.47 -3.15
CA ILE B 87 14.61 11.74 -3.32
C ILE B 87 15.33 12.84 -2.56
N THR B 88 16.19 13.56 -3.28
CA THR B 88 16.87 14.72 -2.71
C THR B 88 15.85 15.81 -2.39
N THR B 89 16.09 16.55 -1.32
CA THR B 89 15.24 17.69 -0.97
C THR B 89 15.87 18.98 -1.49
N ALA B 90 15.04 19.95 -1.86
CA ALA B 90 15.54 21.22 -2.36
C ALA B 90 15.20 22.37 -1.41
N HIS B 91 16.21 23.15 -1.05
CA HIS B 91 16.01 24.33 -0.22
C HIS B 91 16.12 25.59 -1.07
N THR B 92 16.43 25.40 -2.34
CA THR B 92 16.46 26.48 -3.32
C THR B 92 16.15 25.92 -4.71
N ASN B 93 15.97 26.81 -5.68
CA ASN B 93 15.75 26.39 -7.06
C ASN B 93 16.83 25.41 -7.52
N PRO B 94 16.45 24.14 -7.73
CA PRO B 94 17.34 23.01 -7.99
C PRO B 94 17.83 22.95 -9.43
N LEU B 95 17.23 23.74 -10.31
CA LEU B 95 17.52 23.64 -11.74
C LEU B 95 18.92 24.08 -12.14
N PRO B 96 19.39 25.22 -11.62
CA PRO B 96 20.83 25.54 -11.78
C PRO B 96 21.70 24.31 -11.54
N ALA B 97 21.56 23.74 -10.34
CA ALA B 97 22.31 22.56 -9.92
C ALA B 97 22.24 21.38 -10.90
N LEU B 98 21.03 21.05 -11.34
CA LEU B 98 20.83 19.89 -12.20
C LEU B 98 21.38 20.13 -13.60
N THR B 99 21.16 21.34 -14.11
CA THR B 99 21.66 21.74 -15.41
C THR B 99 23.18 21.66 -15.41
N LYS B 100 23.76 22.08 -14.29
CA LYS B 100 25.21 22.06 -14.11
C LYS B 100 25.70 20.61 -14.08
N GLU B 101 25.00 19.77 -13.33
CA GLU B 101 25.27 18.34 -13.29
C GLU B 101 25.36 17.75 -14.70
N LEU B 102 24.27 17.89 -15.45
CA LEU B 102 24.22 17.28 -16.78
C LEU B 102 25.24 17.92 -17.72
N GLN B 103 25.54 19.19 -17.51
CA GLN B 103 26.55 19.88 -18.31
C GLN B 103 27.93 19.27 -18.08
N GLU B 104 28.19 18.87 -16.83
CA GLU B 104 29.48 18.31 -16.47
C GLU B 104 29.63 16.84 -16.88
N ARG B 105 28.56 16.07 -16.71
CA ARG B 105 28.62 14.62 -16.94
C ARG B 105 28.36 14.24 -18.39
N TYR B 106 27.63 15.11 -19.09
CA TYR B 106 27.30 14.88 -20.49
C TYR B 106 27.69 16.14 -21.25
N GLU B 107 28.98 16.25 -21.52
CA GLU B 107 29.64 17.51 -21.87
C GLU B 107 28.94 18.38 -22.91
N GLY B 108 28.84 17.90 -24.15
CA GLY B 108 28.23 18.69 -25.21
C GLY B 108 26.82 18.22 -25.47
N GLY B 109 26.17 17.73 -24.42
CA GLY B 109 24.84 17.16 -24.55
C GLY B 109 23.77 18.23 -24.47
N LYS B 110 22.81 18.16 -25.41
CA LYS B 110 21.67 19.08 -25.42
C LYS B 110 20.72 18.73 -24.28
N ILE B 111 20.34 19.74 -23.51
CA ILE B 111 19.46 19.56 -22.35
C ILE B 111 18.01 19.97 -22.64
N TYR B 112 17.08 19.06 -22.37
CA TYR B 112 15.67 19.35 -22.51
C TYR B 112 15.03 19.46 -21.13
N GLN B 113 14.12 20.42 -20.98
CA GLN B 113 13.51 20.68 -19.69
C GLN B 113 12.10 21.24 -19.86
N SER B 114 11.32 21.15 -18.78
CA SER B 114 9.94 21.61 -18.81
C SER B 114 9.86 23.13 -18.95
N ASP B 115 8.78 23.62 -19.57
CA ASP B 115 8.55 25.05 -19.72
C ASP B 115 8.19 25.69 -18.39
N ASP B 116 8.78 26.86 -18.11
CA ASP B 116 8.57 27.54 -16.84
C ASP B 116 7.39 28.50 -16.93
N LYS B 117 6.17 27.97 -16.74
CA LYS B 117 4.97 28.77 -16.97
C LYS B 117 4.10 29.06 -15.74
N TYR B 118 4.68 28.90 -14.56
CA TYR B 118 4.04 29.33 -13.32
C TYR B 118 4.83 30.49 -12.72
N LYS B 119 4.27 31.15 -11.72
CA LYS B 119 4.89 32.35 -11.19
C LYS B 119 5.80 32.11 -9.98
N PHE B 120 5.36 31.25 -9.08
CA PHE B 120 6.10 30.96 -7.86
C PHE B 120 6.60 29.53 -7.92
N VAL B 121 5.97 28.75 -8.79
CA VAL B 121 6.06 27.29 -8.73
C VAL B 121 6.76 26.65 -9.93
N LYS B 122 7.45 25.55 -9.67
CA LYS B 122 8.05 24.75 -10.71
C LYS B 122 7.71 23.28 -10.50
N ALA B 123 7.47 22.56 -11.59
CA ALA B 123 7.31 21.11 -11.52
C ALA B 123 7.52 20.56 -12.91
N GLY B 124 8.32 19.51 -13.01
CA GLY B 124 8.57 18.92 -14.31
C GLY B 124 9.79 18.05 -14.35
N TRP B 125 10.50 18.11 -15.47
CA TRP B 125 11.68 17.28 -15.67
C TRP B 125 12.81 18.06 -16.33
N ILE B 126 13.95 17.37 -16.46
CA ILE B 126 15.08 17.91 -17.18
C ILE B 126 16.07 16.77 -17.44
N PHE B 127 16.50 16.61 -18.68
CA PHE B 127 17.32 15.44 -19.04
C PHE B 127 18.23 15.65 -20.24
N THR B 128 19.28 14.84 -20.32
CA THR B 128 20.08 14.68 -21.53
C THR B 128 20.02 13.22 -21.90
N GLY B 129 20.17 12.93 -23.19
CA GLY B 129 19.81 11.63 -23.72
C GLY B 129 18.44 11.89 -24.30
N LEU B 130 17.47 11.01 -24.04
CA LEU B 130 17.70 9.69 -23.48
C LEU B 130 17.19 8.78 -24.57
N ARG B 131 18.04 8.55 -25.56
CA ARG B 131 17.67 7.79 -26.75
C ARG B 131 18.11 6.35 -26.60
N PRO B 132 17.17 5.47 -26.23
CA PRO B 132 17.42 4.07 -25.85
C PRO B 132 18.17 3.28 -26.91
N ASP B 133 18.08 3.70 -28.17
CA ASP B 133 18.85 3.07 -29.25
C ASP B 133 20.34 3.27 -29.00
N GLU B 134 20.64 4.28 -28.19
CA GLU B 134 22.02 4.65 -27.91
C GLU B 134 22.37 4.20 -26.49
N THR B 135 23.23 3.19 -26.40
CA THR B 135 23.57 2.56 -25.12
C THR B 135 25.01 2.82 -24.71
N ILE B 136 25.33 2.52 -23.46
CA ILE B 136 26.69 2.58 -22.96
C ILE B 136 27.02 1.33 -22.14
N LYS B 137 28.03 0.59 -22.59
CA LYS B 137 28.40 -0.67 -21.95
C LYS B 137 29.80 -0.63 -21.31
N THR B 138 29.87 -1.10 -20.06
CA THR B 138 31.12 -1.14 -19.31
C THR B 138 31.34 -2.51 -18.71
N ASP B 139 32.54 -2.71 -18.16
CA ASP B 139 32.83 -3.85 -17.30
C ASP B 139 32.43 -5.19 -17.90
N GLU B 140 32.72 -5.39 -19.18
CA GLU B 140 32.36 -6.64 -19.83
C GLU B 140 33.47 -7.67 -19.64
N ASP B 141 34.59 -7.19 -19.10
CA ASP B 141 35.69 -8.07 -18.75
C ASP B 141 35.56 -8.52 -17.29
N THR B 142 34.36 -8.37 -16.75
CA THR B 142 34.09 -8.77 -15.36
C THR B 142 32.81 -9.59 -15.24
N ASP B 143 32.31 -9.68 -14.00
CA ASP B 143 31.21 -10.58 -13.66
C ASP B 143 29.86 -9.87 -13.59
N GLN B 144 29.91 -8.58 -13.29
CA GLN B 144 28.73 -7.73 -13.39
C GLN B 144 28.97 -6.77 -14.54
N PRO B 145 28.76 -7.26 -15.79
CA PRO B 145 28.91 -6.39 -16.96
C PRO B 145 27.71 -5.46 -17.03
N LYS B 146 27.90 -4.26 -17.59
CA LYS B 146 26.83 -3.26 -17.58
C LYS B 146 26.47 -2.74 -18.96
N GLN B 147 25.21 -2.34 -19.10
CA GLN B 147 24.73 -1.71 -20.33
C GLN B 147 23.53 -0.81 -20.02
N TYR B 148 23.80 0.48 -19.91
CA TYR B 148 22.78 1.44 -19.53
C TYR B 148 22.47 2.38 -20.68
N THR B 149 21.19 2.70 -20.86
CA THR B 149 20.80 3.71 -21.82
C THR B 149 21.57 5.01 -21.56
N LYS B 150 22.25 5.52 -22.59
CA LYS B 150 23.08 6.72 -22.41
C LYS B 150 22.29 7.99 -22.12
N GLY B 151 22.75 8.72 -21.11
CA GLY B 151 22.10 9.95 -20.69
C GLY B 151 21.53 9.85 -19.27
N ASP B 152 21.04 10.96 -18.75
CA ASP B 152 20.49 10.98 -17.40
C ASP B 152 19.48 12.13 -17.24
N GLY B 153 18.56 11.97 -16.29
CA GLY B 153 17.56 13.00 -16.07
C GLY B 153 17.07 13.10 -14.65
N TYR B 154 16.16 14.05 -14.43
CA TYR B 154 15.65 14.34 -13.10
C TYR B 154 14.22 14.83 -13.19
N LEU B 155 13.41 14.44 -12.22
CA LEU B 155 12.07 15.02 -12.05
C LEU B 155 12.04 15.87 -10.78
N TYR B 156 11.39 17.02 -10.85
CA TYR B 156 11.45 17.98 -9.75
C TYR B 156 10.12 18.66 -9.48
N TYR B 157 10.02 19.22 -8.27
CA TYR B 157 8.99 20.22 -7.98
C TYR B 157 9.55 21.15 -6.91
N TYR B 158 9.33 22.45 -7.08
CA TYR B 158 9.86 23.45 -6.17
C TYR B 158 8.90 24.62 -6.06
N GLY B 159 9.05 25.38 -4.98
CA GLY B 159 8.22 26.56 -4.77
C GLY B 159 8.98 27.67 -4.06
N ASP B 160 8.78 28.91 -4.50
CA ASP B 160 9.33 30.07 -3.82
C ASP B 160 8.21 30.84 -3.15
N ASN B 161 8.51 31.38 -1.97
CA ASN B 161 7.52 32.11 -1.18
C ASN B 161 6.27 31.30 -0.90
N PRO B 162 6.35 30.37 0.07
CA PRO B 162 5.15 29.67 0.55
C PRO B 162 4.14 30.67 1.07
N THR B 163 3.05 30.19 1.67
CA THR B 163 1.98 31.08 2.08
C THR B 163 1.84 31.17 3.61
N GLY B 169 -11.26 30.93 2.28
CA GLY B 169 -12.41 30.58 1.46
C GLY B 169 -12.28 29.29 0.64
N VAL B 170 -12.71 29.34 -0.62
CA VAL B 170 -12.60 28.20 -1.54
C VAL B 170 -12.11 28.65 -2.92
N ALA B 171 -11.12 27.94 -3.46
CA ALA B 171 -10.52 28.32 -4.74
C ALA B 171 -10.33 27.14 -5.67
N ASN B 172 -10.18 27.42 -6.96
CA ASN B 172 -9.96 26.36 -7.95
C ASN B 172 -8.64 26.56 -8.69
N TYR B 173 -7.93 25.46 -8.90
CA TYR B 173 -6.65 25.52 -9.58
C TYR B 173 -6.68 24.66 -10.84
N THR B 174 -5.84 25.03 -11.79
CA THR B 174 -5.59 24.19 -12.95
C THR B 174 -4.12 24.30 -13.35
N GLY B 175 -3.58 23.21 -13.88
CA GLY B 175 -2.18 23.15 -14.25
C GLY B 175 -1.81 21.80 -14.85
N HIS B 176 -0.74 21.21 -14.35
CA HIS B 176 -0.23 19.97 -14.96
C HIS B 176 0.46 19.05 -13.96
N TRP B 177 0.88 17.89 -14.43
CA TRP B 177 1.68 16.96 -13.66
C TRP B 177 2.64 16.21 -14.60
N ASP B 178 3.72 15.68 -14.02
CA ASP B 178 4.68 14.85 -14.73
C ASP B 178 4.98 13.62 -13.88
N PHE B 179 5.53 12.58 -14.50
CA PHE B 179 5.79 11.35 -13.77
C PHE B 179 6.97 10.56 -14.35
N VAL B 180 7.60 9.76 -13.50
CA VAL B 180 8.53 8.75 -13.95
C VAL B 180 8.22 7.45 -13.22
N THR B 181 8.22 6.36 -13.97
CA THR B 181 7.85 5.06 -13.42
C THR B 181 9.10 4.29 -13.06
N ASP B 182 8.91 3.14 -12.43
CA ASP B 182 10.00 2.20 -12.23
C ASP B 182 10.38 1.62 -13.59
N VAL B 183 11.30 0.67 -13.60
CA VAL B 183 11.62 -0.02 -14.86
C VAL B 183 11.69 -1.53 -14.68
N LYS B 184 10.96 -2.24 -15.53
CA LYS B 184 10.98 -3.69 -15.58
C LYS B 184 11.12 -4.19 -17.02
N ARG B 185 11.94 -5.22 -17.21
CA ARG B 185 12.12 -5.81 -18.53
C ARG B 185 10.80 -6.39 -19.00
N GLU B 186 10.10 -7.06 -18.08
CA GLU B 186 8.86 -7.74 -18.39
C GLU B 186 7.75 -7.40 -17.40
N ARG B 187 6.73 -6.70 -17.87
CA ARG B 187 5.63 -6.27 -17.02
C ARG B 187 4.35 -7.08 -17.20
N GLU B 188 3.97 -7.32 -18.46
CA GLU B 188 2.73 -8.03 -18.77
C GLU B 188 2.94 -9.13 -19.82
N ALA B 199 5.47 -11.23 -24.03
CA ALA B 199 5.60 -10.32 -22.89
C ALA B 199 6.29 -9.01 -23.27
N PHE B 200 6.12 -8.02 -22.40
CA PHE B 200 6.80 -6.72 -22.55
C PHE B 200 6.73 -5.94 -21.24
N GLY B 201 7.37 -4.78 -21.19
CA GLY B 201 7.24 -3.86 -20.09
C GLY B 201 7.62 -2.48 -20.60
N GLY B 202 7.43 -2.30 -21.90
CA GLY B 202 8.09 -1.23 -22.64
C GLY B 202 7.30 -0.01 -23.08
N GLY B 203 7.14 0.14 -24.39
CA GLY B 203 6.71 1.41 -24.94
C GLY B 203 5.98 1.32 -26.28
N SER B 204 4.75 0.82 -26.22
CA SER B 204 3.83 0.82 -27.35
C SER B 204 2.53 0.33 -26.79
N GLY B 205 2.57 -0.84 -26.16
CA GLY B 205 1.43 -1.31 -25.39
C GLY B 205 1.11 -0.25 -24.35
N TYR B 206 2.13 0.48 -23.92
CA TYR B 206 1.97 1.52 -22.92
C TYR B 206 1.83 2.92 -23.52
N LYS B 207 1.83 2.99 -24.85
CA LYS B 207 1.78 4.27 -25.57
C LYS B 207 2.97 5.15 -25.20
N MET B 208 4.11 4.51 -24.94
CA MET B 208 5.35 5.21 -24.66
C MET B 208 6.30 5.06 -25.83
N ASP B 209 7.22 5.99 -25.98
CA ASP B 209 8.27 5.83 -26.97
C ASP B 209 9.07 4.59 -26.62
N SER B 210 9.71 3.99 -27.62
CA SER B 210 10.47 2.77 -27.40
C SER B 210 11.54 2.90 -26.31
N GLY B 211 11.64 1.86 -25.48
CA GLY B 211 12.67 1.80 -24.46
C GLY B 211 12.23 2.41 -23.15
N PHE B 212 11.15 3.19 -23.20
CA PHE B 212 10.63 3.84 -22.01
C PHE B 212 9.68 2.95 -21.23
N GLY B 213 10.16 2.41 -20.12
CA GLY B 213 9.38 1.53 -19.27
C GLY B 213 10.15 0.25 -18.96
N ASP B 214 11.05 -0.11 -19.87
CA ASP B 214 11.83 -1.34 -19.77
C ASP B 214 13.34 -1.09 -19.70
N GLU B 215 13.79 0.02 -20.27
CA GLU B 215 15.20 0.38 -20.22
C GLU B 215 15.43 1.68 -19.42
N VAL B 216 14.52 2.63 -19.57
CA VAL B 216 14.49 3.80 -18.72
C VAL B 216 13.10 3.88 -18.09
N GLY B 217 12.99 4.50 -16.92
CA GLY B 217 11.69 4.74 -16.32
C GLY B 217 10.83 5.54 -17.29
N ALA B 218 9.60 5.08 -17.53
CA ALA B 218 8.71 5.79 -18.45
C ALA B 218 8.32 7.17 -17.91
N THR B 219 8.03 8.10 -18.82
CA THR B 219 7.85 9.50 -18.44
C THR B 219 6.69 10.18 -19.15
N SER B 220 6.30 11.34 -18.63
CA SER B 220 5.25 12.13 -19.26
C SER B 220 5.66 12.46 -20.68
N PHE B 221 6.84 13.05 -20.85
CA PHE B 221 7.29 13.50 -22.16
C PHE B 221 7.43 12.36 -23.17
N ALA B 222 7.42 11.12 -22.70
CA ALA B 222 7.60 9.97 -23.58
C ALA B 222 6.28 9.31 -23.91
N GLU B 223 5.20 9.81 -23.30
CA GLU B 223 3.87 9.30 -23.61
C GLU B 223 3.36 9.92 -24.92
N GLN B 224 2.94 9.07 -25.83
CA GLN B 224 2.72 9.48 -27.22
C GLN B 224 1.36 10.10 -27.52
N VAL B 225 1.39 11.33 -28.02
CA VAL B 225 0.25 11.92 -28.68
C VAL B 225 0.68 12.18 -30.11
N PHE B 226 -0.28 12.28 -31.01
CA PHE B 226 0.03 12.36 -32.43
C PHE B 226 0.67 13.67 -32.87
N GLY B 227 1.67 13.58 -33.75
CA GLY B 227 2.24 14.75 -34.36
C GLY B 227 3.06 15.59 -33.41
N GLN B 228 3.29 15.07 -32.21
CA GLN B 228 4.26 15.63 -31.29
C GLN B 228 5.46 14.70 -31.26
N TYR B 229 6.66 15.26 -31.15
CA TYR B 229 7.86 14.42 -31.12
C TYR B 229 8.60 14.57 -29.80
N ALA B 230 9.83 14.03 -29.78
CA ALA B 230 10.82 14.44 -28.80
C ALA B 230 10.32 14.27 -27.38
N PRO B 231 10.85 15.09 -26.45
CA PRO B 231 10.15 15.32 -25.19
C PRO B 231 8.89 16.14 -25.44
N ARG B 232 7.74 15.60 -25.07
CA ARG B 232 6.45 16.26 -25.30
C ARG B 232 5.93 16.99 -24.06
N GLN B 233 5.05 17.96 -24.27
CA GLN B 233 4.52 18.75 -23.15
C GLN B 233 3.06 19.09 -23.33
N GLY B 234 2.37 19.33 -22.21
CA GLY B 234 0.98 19.76 -22.23
C GLY B 234 -0.02 18.65 -22.50
N ASN B 235 0.41 17.40 -22.38
CA ASN B 235 -0.51 16.28 -22.55
C ASN B 235 -0.95 15.70 -21.21
N HIS B 236 -0.52 16.33 -20.12
CA HIS B 236 -0.89 15.84 -18.80
C HIS B 236 -1.52 16.94 -17.96
N ARG B 237 -2.82 16.82 -17.78
CA ARG B 237 -3.61 17.88 -17.17
C ARG B 237 -3.80 17.66 -15.68
N ALA B 238 -3.75 18.76 -14.92
CA ALA B 238 -4.00 18.72 -13.48
C ALA B 238 -5.10 19.69 -13.11
N VAL B 239 -6.03 19.26 -12.28
CA VAL B 239 -7.09 20.14 -11.80
C VAL B 239 -7.26 19.99 -10.29
N PHE B 240 -7.46 21.09 -9.59
CA PHE B 240 -7.53 21.05 -8.13
C PHE B 240 -8.66 21.88 -7.57
N LYS B 241 -9.22 21.44 -6.45
CA LYS B 241 -10.17 22.24 -5.69
C LYS B 241 -9.69 22.37 -4.25
N ALA B 242 -9.51 23.61 -3.82
CA ALA B 242 -9.05 23.89 -2.47
C ALA B 242 -10.17 24.45 -1.61
N ASP B 243 -10.55 23.70 -0.58
CA ASP B 243 -11.48 24.19 0.42
C ASP B 243 -10.72 24.52 1.70
N PHE B 244 -10.37 25.80 1.85
CA PHE B 244 -9.61 26.26 3.01
C PHE B 244 -10.47 26.25 4.27
N ASP B 245 -11.79 26.21 4.10
CA ASP B 245 -12.69 26.14 5.24
C ASP B 245 -12.80 24.71 5.77
N ALA B 246 -13.04 23.77 4.87
CA ALA B 246 -13.13 22.36 5.23
C ALA B 246 -11.74 21.75 5.41
N LYS B 247 -10.71 22.52 5.08
CA LYS B 247 -9.33 22.05 5.16
C LYS B 247 -9.11 20.83 4.27
N LYS B 248 -9.61 20.89 3.04
CA LYS B 248 -9.50 19.78 2.10
C LYS B 248 -8.93 20.21 0.76
N LEU B 249 -8.23 19.28 0.11
CA LEU B 249 -7.59 19.58 -1.17
C LEU B 249 -7.81 18.41 -2.12
N THR B 250 -8.70 18.61 -3.10
CA THR B 250 -9.05 17.55 -4.05
C THR B 250 -8.56 17.84 -5.45
N GLY B 251 -8.75 16.89 -6.36
CA GLY B 251 -8.36 17.12 -7.74
C GLY B 251 -8.14 15.88 -8.56
N THR B 252 -7.91 16.08 -9.85
CA THR B 252 -7.76 14.98 -10.78
C THR B 252 -6.64 15.25 -11.77
N LEU B 253 -5.85 14.22 -12.05
CA LEU B 253 -4.79 14.29 -13.05
C LEU B 253 -5.16 13.36 -14.20
N SER B 254 -5.20 13.90 -15.41
CA SER B 254 -5.59 13.11 -16.58
C SER B 254 -4.55 13.23 -17.67
N THR B 255 -4.68 12.37 -18.68
CA THR B 255 -3.75 12.38 -19.79
C THR B 255 -4.50 12.58 -21.10
N LYS B 256 -3.96 13.45 -21.94
CA LYS B 256 -4.48 13.63 -23.29
C LYS B 256 -4.02 12.51 -24.20
N GLN B 257 -4.97 11.74 -24.72
CA GLN B 257 -4.73 10.80 -25.80
C GLN B 257 -5.30 11.38 -27.09
N LYS B 258 -4.56 11.19 -28.18
CA LYS B 258 -5.06 11.50 -29.51
C LYS B 258 -4.26 10.62 -30.47
N ALA B 259 -4.96 9.69 -31.13
CA ALA B 259 -4.30 8.62 -31.88
C ALA B 259 -3.71 9.06 -33.22
N ILE B 260 -4.57 9.57 -34.10
CA ILE B 260 -4.12 10.03 -35.41
C ILE B 260 -4.53 11.48 -35.64
N ALA B 261 -4.24 11.99 -36.84
CA ALA B 261 -4.53 13.38 -37.16
C ALA B 261 -6.01 13.73 -37.00
N SER B 262 -6.89 12.86 -37.49
CA SER B 262 -8.33 13.14 -37.45
C SER B 262 -8.87 13.05 -36.03
N SER B 263 -8.17 12.29 -35.18
CA SER B 263 -8.66 11.98 -33.82
C SER B 263 -8.94 13.20 -32.95
N PRO B 264 -10.01 13.11 -32.14
CA PRO B 264 -10.31 14.08 -31.09
C PRO B 264 -9.25 14.05 -30.01
N GLU B 265 -8.99 15.18 -29.38
CA GLU B 265 -8.16 15.20 -28.20
C GLU B 265 -9.01 14.75 -27.01
N THR B 266 -8.75 13.54 -26.52
CA THR B 266 -9.53 12.95 -25.44
C THR B 266 -8.72 12.90 -24.14
N TYR B 267 -9.39 12.84 -23.00
CA TYR B 267 -8.66 12.79 -21.73
C TYR B 267 -9.07 11.60 -20.88
N VAL B 268 -8.07 10.90 -20.33
CA VAL B 268 -8.32 9.77 -19.44
C VAL B 268 -7.83 10.07 -18.03
N ASP B 269 -8.71 9.94 -17.04
CA ASP B 269 -8.33 10.21 -15.66
C ASP B 269 -7.43 9.11 -15.13
N ARG B 270 -6.26 9.49 -14.61
CA ARG B 270 -5.30 8.54 -14.07
C ARG B 270 -5.37 8.52 -12.55
N TYR B 271 -5.44 9.70 -11.95
CA TYR B 271 -5.41 9.82 -10.49
C TYR B 271 -6.39 10.87 -9.97
N ASP B 272 -7.16 10.50 -8.97
CA ASP B 272 -7.87 11.47 -8.15
C ASP B 272 -6.96 11.85 -7.00
N ILE B 273 -7.23 12.98 -6.37
CA ILE B 273 -6.42 13.42 -5.25
C ILE B 273 -7.28 13.68 -4.02
N ASP B 274 -6.73 13.36 -2.85
CA ASP B 274 -7.47 13.46 -1.60
C ASP B 274 -6.52 13.83 -0.46
N ALA B 275 -6.40 15.12 -0.20
CA ALA B 275 -5.44 15.60 0.78
C ALA B 275 -6.06 16.51 1.84
N THR B 276 -5.49 16.48 3.03
CA THR B 276 -5.88 17.40 4.09
C THR B 276 -4.94 18.60 4.11
N ILE B 277 -5.51 19.78 4.35
CA ILE B 277 -4.73 21.02 4.41
C ILE B 277 -4.48 21.46 5.84
N LYS B 278 -3.22 21.80 6.13
CA LYS B 278 -2.84 22.23 7.45
C LYS B 278 -1.69 23.24 7.35
N GLY B 279 -2.04 24.52 7.49
CA GLY B 279 -1.08 25.58 7.25
C GLY B 279 -1.06 25.88 5.77
N ASN B 280 0.13 26.15 5.24
CA ASN B 280 0.30 26.34 3.80
C ASN B 280 0.50 25.01 3.11
N ARG B 281 0.67 23.96 3.90
CA ARG B 281 0.99 22.64 3.40
C ARG B 281 -0.23 21.74 3.35
N PHE B 282 -0.18 20.72 2.50
CA PHE B 282 -1.23 19.71 2.45
C PHE B 282 -0.64 18.33 2.20
N ALA B 283 -1.33 17.31 2.68
CA ALA B 283 -0.83 15.94 2.55
C ALA B 283 -1.96 14.93 2.57
N GLY B 284 -1.81 13.87 1.78
CA GLY B 284 -2.83 12.85 1.71
C GLY B 284 -2.50 11.77 0.70
N SER B 285 -3.49 11.45 -0.13
CA SER B 285 -3.39 10.30 -1.00
C SER B 285 -3.66 10.62 -2.46
N ALA B 286 -2.98 9.88 -3.34
CA ALA B 286 -3.29 9.82 -4.76
C ALA B 286 -4.01 8.50 -5.02
N ILE B 287 -5.16 8.55 -5.69
CA ILE B 287 -5.97 7.35 -5.91
C ILE B 287 -6.01 6.99 -7.38
N ALA B 288 -5.64 5.76 -7.69
CA ALA B 288 -5.66 5.28 -9.07
C ALA B 288 -7.08 4.98 -9.53
N LYS B 289 -7.41 5.45 -10.74
CA LYS B 289 -8.77 5.32 -11.27
C LYS B 289 -9.02 3.98 -11.96
N ASN B 290 -7.94 3.27 -12.27
CA ASN B 290 -8.07 2.02 -13.01
C ASN B 290 -7.80 0.77 -12.17
N THR B 291 -6.61 0.70 -11.59
CA THR B 291 -6.22 -0.44 -10.74
C THR B 291 -6.14 -1.76 -11.51
N LYS B 292 -6.32 -1.69 -12.82
CA LYS B 292 -6.23 -2.89 -13.64
C LYS B 292 -5.16 -2.77 -14.73
N SER B 293 -4.21 -3.69 -14.73
CA SER B 293 -3.27 -3.83 -15.83
C SER B 293 -3.29 -5.26 -16.35
N SER B 294 -3.41 -5.39 -17.67
CA SER B 294 -3.37 -6.68 -18.31
C SER B 294 -2.49 -6.58 -19.55
N PHE B 295 -2.34 -7.69 -20.27
CA PHE B 295 -1.54 -7.70 -21.48
C PHE B 295 -2.20 -6.87 -22.59
N LEU B 296 -3.53 -6.88 -22.60
CA LEU B 296 -4.29 -6.13 -23.61
C LEU B 296 -4.79 -4.81 -23.05
N GLU B 297 -4.76 -4.68 -21.73
CA GLU B 297 -4.99 -3.41 -21.05
C GLU B 297 -3.86 -3.18 -20.05
N PRO B 298 -2.67 -2.83 -20.56
CA PRO B 298 -1.52 -2.53 -19.69
C PRO B 298 -1.67 -1.17 -19.06
N ASN B 299 -1.21 -1.02 -17.82
CA ASN B 299 -1.42 0.21 -17.07
C ASN B 299 -0.33 0.46 -16.03
N PHE B 300 0.46 1.51 -16.25
CA PHE B 300 1.48 1.93 -15.31
C PHE B 300 0.88 2.42 -13.99
N PHE B 301 -0.38 2.83 -14.05
CA PHE B 301 -0.99 3.63 -12.99
C PHE B 301 -2.10 2.89 -12.25
N ASN B 302 -1.78 1.68 -11.76
CA ASN B 302 -2.75 0.82 -11.09
C ASN B 302 -2.65 0.84 -9.57
N LYS B 303 -1.69 1.58 -9.03
CA LYS B 303 -1.51 1.64 -7.59
C LYS B 303 -1.70 3.06 -7.05
N ASN B 304 -2.30 3.15 -5.87
CA ASN B 304 -2.41 4.42 -5.18
C ASN B 304 -1.09 4.87 -4.61
N ALA B 305 -1.08 6.09 -4.08
CA ALA B 305 -0.07 6.53 -3.14
C ALA B 305 -0.84 6.91 -1.88
N ASP B 306 -1.22 5.89 -1.10
CA ASP B 306 -2.02 6.11 0.09
C ASP B 306 -1.18 6.79 1.16
N ASN B 307 -1.58 8.00 1.54
CA ASN B 307 -0.82 8.77 2.52
C ASN B 307 0.62 8.93 2.07
N ARG B 308 0.82 9.10 0.77
CA ARG B 308 2.16 9.27 0.21
C ARG B 308 2.19 10.41 -0.79
N LEU B 309 1.26 11.36 -0.62
CA LEU B 309 1.24 12.57 -1.42
C LEU B 309 1.43 13.78 -0.51
N GLU B 310 2.32 14.70 -0.89
CA GLU B 310 2.55 15.91 -0.11
C GLU B 310 2.69 17.11 -1.02
N GLY B 311 2.49 18.31 -0.47
CA GLY B 311 2.63 19.51 -1.26
C GLY B 311 2.30 20.78 -0.50
N GLY B 312 2.23 21.89 -1.22
CA GLY B 312 1.93 23.15 -0.58
C GLY B 312 1.44 24.23 -1.52
N PHE B 313 0.99 25.34 -0.91
CA PHE B 313 0.56 26.52 -1.64
C PHE B 313 1.66 27.57 -1.58
N TYR B 314 2.06 28.07 -2.74
CA TYR B 314 3.03 29.15 -2.79
C TYR B 314 2.36 30.38 -3.39
N GLY B 315 2.86 31.55 -3.04
CA GLY B 315 2.16 32.78 -3.35
C GLY B 315 1.56 33.34 -2.07
N GLU B 316 1.35 34.65 -2.04
CA GLU B 316 0.91 35.34 -0.83
C GLU B 316 -0.56 35.04 -0.52
N ASN B 317 -1.33 34.72 -1.55
CA ASN B 317 -2.74 34.38 -1.40
C ASN B 317 -3.04 32.99 -1.93
N ALA B 318 -2.13 32.04 -1.67
CA ALA B 318 -2.28 30.69 -2.17
C ALA B 318 -2.50 30.70 -3.68
N GLU B 319 -1.86 31.65 -4.36
CA GLU B 319 -2.04 31.82 -5.80
C GLU B 319 -1.69 30.56 -6.59
N GLU B 320 -0.73 29.77 -6.09
CA GLU B 320 -0.31 28.55 -6.77
C GLU B 320 -0.13 27.39 -5.80
N LEU B 321 0.04 26.19 -6.35
CA LEU B 321 0.30 25.01 -5.53
C LEU B 321 1.18 24.02 -6.29
N ALA B 322 1.94 23.22 -5.54
CA ALA B 322 2.77 22.21 -6.17
C ALA B 322 3.10 21.13 -5.15
N GLY B 323 3.41 19.94 -5.64
CA GLY B 323 3.70 18.81 -4.76
C GLY B 323 4.10 17.56 -5.51
N LYS B 324 4.17 16.44 -4.78
CA LYS B 324 4.64 15.18 -5.33
C LYS B 324 3.93 14.04 -4.63
N PHE B 325 4.00 12.86 -5.22
CA PHE B 325 3.61 11.65 -4.54
C PHE B 325 4.38 10.48 -5.13
N LEU B 326 4.55 9.43 -4.33
CA LEU B 326 5.21 8.22 -4.78
C LEU B 326 4.35 7.03 -4.37
N THR B 327 4.04 6.18 -5.33
CA THR B 327 3.07 5.12 -5.13
C THR B 327 3.48 4.09 -4.07
N ASN B 328 2.51 3.26 -3.69
CA ASN B 328 2.70 2.26 -2.63
C ASN B 328 3.80 1.25 -2.91
N ASP B 329 3.87 0.79 -4.16
CA ASP B 329 4.88 -0.19 -4.56
C ASP B 329 6.01 0.46 -5.35
N ASN B 330 6.28 1.73 -5.06
CA ASN B 330 7.40 2.44 -5.66
C ASN B 330 7.43 2.30 -7.18
N SER B 331 6.28 2.50 -7.80
CA SER B 331 6.08 2.20 -9.22
C SER B 331 5.84 3.48 -10.02
N VAL B 332 5.32 4.51 -9.36
CA VAL B 332 5.18 5.81 -9.99
C VAL B 332 5.56 6.95 -9.06
N PHE B 333 6.47 7.79 -9.52
CA PHE B 333 6.75 9.04 -8.83
C PHE B 333 6.23 10.19 -9.68
N ALA B 334 5.39 11.02 -9.08
CA ALA B 334 4.75 12.11 -9.83
C ALA B 334 4.90 13.44 -9.12
N VAL B 335 5.02 14.49 -9.92
CA VAL B 335 5.01 15.85 -9.41
C VAL B 335 3.89 16.60 -10.10
N PHE B 336 3.36 17.62 -9.42
CA PHE B 336 2.24 18.36 -9.97
C PHE B 336 2.26 19.81 -9.54
N ALA B 337 1.65 20.65 -10.36
CA ALA B 337 1.52 22.05 -10.04
C ALA B 337 0.20 22.56 -10.60
N GLY B 338 -0.33 23.60 -9.98
CA GLY B 338 -1.56 24.20 -10.42
C GLY B 338 -1.59 25.66 -10.00
N LYS B 339 -2.46 26.44 -10.65
CA LYS B 339 -2.63 27.85 -10.31
C LYS B 339 -4.08 28.27 -10.53
N GLN B 340 -4.49 29.31 -9.81
CA GLN B 340 -5.91 29.68 -9.73
C GLN B 340 -6.55 30.11 -11.06
N ASP B 341 -7.88 30.16 -11.05
CA ASP B 341 -8.67 30.50 -12.23
C ASP B 341 -9.42 31.82 -11.98
#